data_3BUU
#
_entry.id   3BUU
#
_cell.length_a   35.019
_cell.length_b   59.116
_cell.length_c   89.676
_cell.angle_alpha   90.00
_cell.angle_beta   90.72
_cell.angle_gamma   90.00
#
_symmetry.space_group_name_H-M   'P 1 21 1'
#
loop_
_entity.id
_entity.type
_entity.pdbx_description
1 polymer 'Uncharacterized LolA superfamily protein NE2245'
2 water water
#
_entity_poly.entity_id   1
_entity_poly.type   'polypeptide(L)'
_entity_poly.pdbx_seq_one_letter_code
;SNAKSAVTAQSILEKADEIRFPQDSFQVNVAIRTAAPDHAEDLYRYQVLSKGNENSIV(MSE)ITEPASERGQAIL
(MSE)KGRDLWVF(MSE)PSVSQPIRLSLSQRLTGQVANGDIARANFTGDYHPQLLRNESIDDEDYYVLELTGIDRSVTY
QKVLLWVNQSNFRPYKAEFYSVSGRLLKTSRYENFDNILGE(MSE)RPTRII(MSE)EDALKSGEVSVLDYSD(MSE)KL
RDLPDKIFTKDYLKRLE
;
_entity_poly.pdbx_strand_id   A,B
#
# COMPACT_ATOMS: atom_id res chain seq x y z
N ALA A 6 -31.06 30.47 -20.82
CA ALA A 6 -30.87 30.56 -19.36
C ALA A 6 -30.09 29.34 -18.85
N VAL A 7 -29.28 29.55 -17.84
CA VAL A 7 -28.63 28.46 -17.15
C VAL A 7 -29.68 27.74 -16.31
N THR A 8 -29.61 26.42 -16.26
CA THR A 8 -30.52 25.68 -15.42
C THR A 8 -29.68 24.84 -14.45
N ALA A 9 -30.26 24.38 -13.37
CA ALA A 9 -29.52 23.45 -12.48
C ALA A 9 -28.97 22.25 -13.26
N GLN A 10 -29.78 21.73 -14.16
CA GLN A 10 -29.37 20.58 -14.97
CA GLN A 10 -29.37 20.57 -14.96
C GLN A 10 -28.17 20.94 -15.85
N SER A 11 -28.20 22.10 -16.49
CA SER A 11 -27.09 22.48 -17.36
C SER A 11 -25.84 22.78 -16.59
N ILE A 12 -25.96 23.36 -15.41
CA ILE A 12 -24.81 23.62 -14.56
C ILE A 12 -24.15 22.29 -14.20
N LEU A 13 -24.95 21.33 -13.77
CA LEU A 13 -24.41 20.04 -13.40
C LEU A 13 -23.74 19.35 -14.58
N GLU A 14 -24.38 19.42 -15.75
CA GLU A 14 -23.80 18.84 -16.97
CA GLU A 14 -23.79 18.79 -16.94
C GLU A 14 -22.44 19.44 -17.28
N LYS A 15 -22.36 20.76 -17.16
CA LYS A 15 -21.12 21.46 -17.45
C LYS A 15 -20.04 21.10 -16.47
N ALA A 16 -20.39 21.00 -15.20
CA ALA A 16 -19.40 20.58 -14.20
C ALA A 16 -18.94 19.13 -14.46
N ASP A 17 -19.88 18.24 -14.76
CA ASP A 17 -19.53 16.86 -15.10
C ASP A 17 -18.57 16.79 -16.29
N GLU A 18 -18.84 17.59 -17.33
CA GLU A 18 -18.01 17.54 -18.52
C GLU A 18 -16.63 18.14 -18.33
N ILE A 19 -16.46 18.99 -17.31
CA ILE A 19 -15.14 19.45 -16.92
C ILE A 19 -14.39 18.36 -16.14
N ARG A 20 -15.08 17.69 -15.24
CA ARG A 20 -14.43 16.66 -14.46
C ARG A 20 -13.91 15.54 -15.37
N PHE A 21 -14.75 15.02 -16.25
CA PHE A 21 -14.34 13.87 -17.08
C PHE A 21 -14.91 14.00 -18.48
N PRO A 22 -14.20 13.42 -19.46
CA PRO A 22 -14.77 13.29 -20.77
C PRO A 22 -16.10 12.57 -20.71
N GLN A 23 -17.06 13.00 -21.53
CA GLN A 23 -18.35 12.33 -21.62
C GLN A 23 -18.24 11.29 -22.71
N ASP A 24 -17.42 10.30 -22.42
CA ASP A 24 -16.97 9.33 -23.38
C ASP A 24 -16.31 8.20 -22.62
N SER A 25 -15.98 7.14 -23.33
N SER A 25 -16.03 7.09 -23.28
CA SER A 25 -15.25 6.02 -22.75
CA SER A 25 -15.30 6.03 -22.62
C SER A 25 -13.76 6.33 -22.57
C SER A 25 -13.83 6.41 -22.52
N PHE A 26 -13.22 6.08 -21.38
CA PHE A 26 -11.85 6.42 -21.14
C PHE A 26 -11.23 5.52 -20.09
N GLN A 27 -9.90 5.58 -20.03
N GLN A 27 -9.90 5.54 -20.02
CA GLN A 27 -9.08 4.95 -19.04
CA GLN A 27 -9.18 4.91 -18.93
C GLN A 27 -8.40 6.03 -18.21
C GLN A 27 -8.36 5.97 -18.22
N VAL A 28 -8.20 5.78 -16.92
CA VAL A 28 -7.41 6.67 -16.10
C VAL A 28 -6.78 5.90 -14.96
N ASN A 29 -5.64 6.38 -14.49
CA ASN A 29 -5.02 5.82 -13.26
CA ASN A 29 -5.00 5.86 -13.31
C ASN A 29 -5.33 6.73 -12.09
N VAL A 30 -5.60 6.12 -10.95
CA VAL A 30 -5.90 6.85 -9.74
C VAL A 30 -5.03 6.37 -8.59
N ALA A 31 -4.32 7.30 -7.96
CA ALA A 31 -3.52 6.99 -6.78
C ALA A 31 -4.23 7.63 -5.59
N ILE A 32 -4.41 6.90 -4.52
CA ILE A 32 -5.15 7.40 -3.37
C ILE A 32 -4.23 7.26 -2.16
N ARG A 33 -3.91 8.39 -1.54
CA ARG A 33 -3.06 8.43 -0.34
CA ARG A 33 -3.08 8.39 -0.33
C ARG A 33 -3.93 8.94 0.80
N THR A 34 -4.13 8.11 1.81
CA THR A 34 -4.94 8.48 2.95
C THR A 34 -4.07 8.56 4.19
N ALA A 35 -4.23 9.62 4.96
CA ALA A 35 -3.52 9.72 6.22
C ALA A 35 -4.37 10.44 7.22
N ALA A 36 -4.09 10.17 8.47
CA ALA A 36 -4.61 10.93 9.60
C ALA A 36 -3.44 11.18 10.48
N PRO A 37 -3.48 12.19 11.37
N PRO A 37 -3.61 12.16 11.37
CA PRO A 37 -2.24 12.59 12.09
CA PRO A 37 -2.77 12.17 12.52
C PRO A 37 -1.18 11.55 12.69
C PRO A 37 -2.79 10.83 13.24
N ASP A 38 -1.63 10.49 13.37
CA ASP A 38 -1.13 9.37 14.04
C ASP A 38 -1.38 8.05 13.28
N HIS A 39 -1.91 8.08 12.04
CA HIS A 39 -2.08 6.85 11.28
C HIS A 39 -2.17 7.14 9.80
N ALA A 40 -1.31 6.50 9.01
CA ALA A 40 -1.38 6.62 7.57
C ALA A 40 -1.67 5.26 6.98
N GLU A 41 -2.36 5.28 5.85
CA GLU A 41 -2.61 4.07 5.08
C GLU A 41 -1.46 3.88 4.09
N ASP A 42 -1.21 2.64 3.69
CA ASP A 42 -0.38 2.37 2.53
C ASP A 42 -0.99 3.06 1.30
N LEU A 43 -0.19 3.35 0.28
CA LEU A 43 -0.76 3.99 -0.92
C LEU A 43 -1.62 2.95 -1.65
N TYR A 44 -2.76 3.35 -2.22
CA TYR A 44 -3.56 2.50 -3.08
C TYR A 44 -3.47 3.05 -4.49
N ARG A 45 -3.44 2.17 -5.48
CA ARG A 45 -3.49 2.61 -6.87
C ARG A 45 -4.44 1.73 -7.64
N TYR A 46 -5.13 2.35 -8.60
CA TYR A 46 -6.14 1.69 -9.39
C TYR A 46 -6.02 2.07 -10.84
N GLN A 47 -6.43 1.17 -11.72
CA GLN A 47 -6.68 1.51 -13.10
C GLN A 47 -8.18 1.44 -13.29
N VAL A 48 -8.75 2.48 -13.90
CA VAL A 48 -10.19 2.59 -14.11
C VAL A 48 -10.51 2.60 -15.59
N LEU A 49 -11.44 1.74 -16.01
CA LEU A 49 -12.01 1.75 -17.37
C LEU A 49 -13.43 2.28 -17.15
N SER A 50 -13.69 3.47 -17.64
CA SER A 50 -14.91 4.19 -17.37
C SER A 50 -15.79 4.36 -18.61
N LYS A 51 -17.02 3.87 -18.55
CA LYS A 51 -17.98 4.00 -19.59
C LYS A 51 -19.25 4.66 -19.04
N GLY A 52 -19.10 5.93 -18.67
CA GLY A 52 -20.17 6.70 -18.09
C GLY A 52 -20.63 6.08 -16.77
N ASN A 53 -21.89 6.22 -16.51
CA ASN A 53 -22.47 5.65 -15.31
C ASN A 53 -23.05 4.28 -15.56
N GLU A 54 -22.91 3.84 -16.83
N GLU A 54 -22.96 3.74 -16.76
CA GLU A 54 -23.40 2.55 -17.41
CA GLU A 54 -23.58 2.44 -16.99
C GLU A 54 -22.59 1.36 -16.93
C GLU A 54 -22.61 1.26 -16.93
N ASN A 55 -21.28 1.44 -17.12
CA ASN A 55 -20.34 0.35 -16.91
C ASN A 55 -19.00 0.91 -16.51
N SER A 56 -18.27 0.16 -15.67
CA SER A 56 -16.90 0.48 -15.43
C SER A 56 -16.22 -0.75 -14.86
N ILE A 57 -14.90 -0.73 -14.93
CA ILE A 57 -14.05 -1.70 -14.23
C ILE A 57 -13.01 -0.93 -13.46
N VAL A 58 -12.83 -1.30 -12.19
CA VAL A 58 -11.81 -0.70 -11.34
C VAL A 58 -10.90 -1.81 -10.89
N MSE A 59 -9.63 -1.71 -11.27
CA MSE A 59 -8.65 -2.79 -10.96
C MSE A 59 -7.59 -2.26 -10.03
O MSE A 59 -6.96 -1.28 -10.33
CB MSE A 59 -7.99 -3.24 -12.25
CG MSE A 59 -8.92 -4.08 -13.15
SE MSE A 59 -8.31 -4.54 -14.89
CE MSE A 59 -6.86 -3.29 -15.09
N ILE A 60 -7.41 -2.90 -8.87
CA ILE A 60 -6.40 -2.48 -7.89
C ILE A 60 -5.03 -2.96 -8.30
N THR A 61 -4.07 -2.08 -8.27
CA THR A 61 -2.73 -2.45 -8.63
C THR A 61 -1.77 -2.44 -7.41
N GLU A 62 -2.06 -1.66 -6.38
N GLU A 62 -2.15 -1.68 -6.38
CA GLU A 62 -1.26 -1.66 -5.16
CA GLU A 62 -1.36 -1.46 -5.17
C GLU A 62 -2.23 -1.25 -4.04
C GLU A 62 -2.33 -1.22 -4.01
N PRO A 63 -1.99 -1.68 -2.79
CA PRO A 63 -0.82 -2.48 -2.31
C PRO A 63 -0.88 -3.94 -2.74
N ALA A 64 0.27 -4.62 -2.65
CA ALA A 64 0.40 -6.00 -3.08
C ALA A 64 -0.61 -6.93 -2.43
N SER A 65 -0.98 -6.63 -1.18
CA SER A 65 -1.93 -7.50 -0.44
C SER A 65 -3.31 -7.50 -1.10
N GLU A 66 -3.60 -6.47 -1.90
CA GLU A 66 -4.93 -6.28 -2.52
C GLU A 66 -4.91 -6.39 -4.03
N ARG A 67 -3.70 -6.41 -4.62
CA ARG A 67 -3.50 -6.45 -6.07
C ARG A 67 -4.26 -7.60 -6.68
N GLY A 68 -4.99 -7.33 -7.76
CA GLY A 68 -5.75 -8.40 -8.38
C GLY A 68 -7.23 -8.36 -8.03
N GLN A 69 -7.62 -7.68 -6.96
CA GLN A 69 -9.04 -7.47 -6.72
C GLN A 69 -9.56 -6.59 -7.86
N ALA A 70 -10.83 -6.77 -8.17
CA ALA A 70 -11.41 -5.96 -9.21
C ALA A 70 -12.85 -5.69 -8.91
N ILE A 71 -13.35 -4.59 -9.45
N ILE A 71 -13.33 -4.59 -9.47
CA ILE A 71 -14.73 -4.25 -9.27
CA ILE A 71 -14.70 -4.20 -9.32
C ILE A 71 -15.34 -3.99 -10.65
C ILE A 71 -15.27 -4.08 -10.74
N LEU A 72 -16.42 -4.73 -10.96
CA LEU A 72 -17.16 -4.61 -12.19
C LEU A 72 -18.49 -3.93 -11.85
N MSE A 73 -18.78 -2.82 -12.54
CA MSE A 73 -20.02 -2.12 -12.38
C MSE A 73 -20.87 -2.32 -13.61
O MSE A 73 -20.41 -2.08 -14.76
CB MSE A 73 -19.76 -0.64 -12.16
CG MSE A 73 -21.03 0.16 -12.00
SE MSE A 73 -20.57 2.06 -11.73
CE MSE A 73 -20.42 2.56 -13.56
N LYS A 74 -22.12 -2.74 -13.38
CA LYS A 74 -23.14 -2.79 -14.44
C LYS A 74 -24.35 -2.04 -13.89
N GLY A 75 -24.72 -0.91 -14.50
CA GLY A 75 -25.72 -0.08 -13.88
C GLY A 75 -25.29 0.37 -12.51
N ARG A 76 -26.14 0.20 -11.49
CA ARG A 76 -25.79 0.54 -10.10
CA ARG A 76 -25.69 0.58 -10.14
C ARG A 76 -25.25 -0.60 -9.29
N ASP A 77 -25.11 -1.76 -9.92
CA ASP A 77 -24.66 -2.95 -9.21
C ASP A 77 -23.16 -3.19 -9.41
N LEU A 78 -22.49 -3.60 -8.32
CA LEU A 78 -21.08 -3.90 -8.34
C LEU A 78 -20.85 -5.35 -8.00
N TRP A 79 -19.94 -5.96 -8.75
CA TRP A 79 -19.41 -7.31 -8.48
CA TRP A 79 -19.41 -7.29 -8.43
C TRP A 79 -17.96 -7.12 -8.11
N VAL A 80 -17.56 -7.73 -7.00
CA VAL A 80 -16.22 -7.57 -6.50
C VAL A 80 -15.51 -8.95 -6.49
N PHE A 81 -14.34 -9.00 -7.08
CA PHE A 81 -13.60 -10.25 -7.28
C PHE A 81 -12.53 -10.30 -6.16
N MSE A 82 -12.55 -11.36 -5.33
CA MSE A 82 -11.73 -11.52 -4.09
CA MSE A 82 -11.60 -11.49 -4.22
C MSE A 82 -11.07 -12.90 -4.08
O MSE A 82 -11.68 -13.85 -4.51
CB MSE A 82 -12.61 -11.45 -2.82
CB MSE A 82 -12.24 -11.08 -2.91
CG MSE A 82 -13.28 -10.13 -2.54
CG MSE A 82 -12.87 -9.74 -3.00
SE MSE A 82 -12.08 -8.62 -2.24
SE MSE A 82 -13.55 -9.31 -1.29
CE MSE A 82 -11.39 -8.95 -0.43
CE MSE A 82 -11.92 -8.57 -0.50
N PRO A 83 -9.85 -13.04 -3.50
CA PRO A 83 -9.13 -14.32 -3.53
C PRO A 83 -9.79 -15.46 -2.71
N SER A 84 -10.68 -15.13 -1.77
CA SER A 84 -11.26 -16.17 -0.93
C SER A 84 -12.50 -16.82 -1.54
N VAL A 85 -12.89 -16.36 -2.73
CA VAL A 85 -14.09 -16.90 -3.38
C VAL A 85 -13.86 -17.09 -4.85
N SER A 86 -14.45 -18.16 -5.39
CA SER A 86 -14.37 -18.38 -6.84
CA SER A 86 -14.41 -18.45 -6.83
C SER A 86 -15.25 -17.47 -7.63
N GLN A 87 -16.42 -17.11 -7.09
CA GLN A 87 -17.34 -16.21 -7.78
C GLN A 87 -17.31 -14.84 -7.14
N PRO A 88 -17.56 -13.77 -7.91
CA PRO A 88 -17.52 -12.44 -7.29
C PRO A 88 -18.69 -12.26 -6.34
N ILE A 89 -18.52 -11.27 -5.49
CA ILE A 89 -19.46 -10.95 -4.44
C ILE A 89 -19.99 -9.53 -4.63
N ARG A 90 -21.07 -9.20 -3.98
N ARG A 90 -21.04 -9.23 -3.89
CA ARG A 90 -21.64 -7.88 -4.22
CA ARG A 90 -21.68 -7.91 -3.96
C ARG A 90 -21.35 -6.91 -3.07
C ARG A 90 -21.10 -6.92 -2.97
N LEU A 91 -20.90 -5.69 -3.44
CA LEU A 91 -20.78 -4.52 -2.54
C LEU A 91 -21.60 -3.39 -3.21
N SER A 92 -21.95 -2.36 -2.47
CA SER A 92 -22.76 -1.27 -3.04
C SER A 92 -21.88 -0.08 -3.43
N LEU A 93 -22.46 0.81 -4.23
CA LEU A 93 -21.75 2.04 -4.55
C LEU A 93 -21.39 2.89 -3.34
N SER A 94 -22.27 2.84 -2.34
N SER A 94 -22.25 2.84 -2.32
CA SER A 94 -22.10 3.67 -1.16
CA SER A 94 -22.04 3.66 -1.12
C SER A 94 -21.12 3.10 -0.15
C SER A 94 -20.95 3.15 -0.23
N GLN A 95 -20.64 1.85 -0.34
CA GLN A 95 -19.69 1.27 0.55
C GLN A 95 -18.28 1.80 0.34
N ARG A 96 -17.43 1.51 1.31
CA ARG A 96 -16.10 2.11 1.37
C ARG A 96 -15.14 1.38 0.49
N LEU A 97 -14.39 2.13 -0.32
CA LEU A 97 -13.28 1.62 -1.10
C LEU A 97 -12.04 1.61 -0.21
N THR A 98 -11.52 2.79 0.09
CA THR A 98 -10.38 2.96 0.97
C THR A 98 -10.46 4.36 1.56
N GLY A 99 -10.02 4.55 2.79
CA GLY A 99 -9.99 5.87 3.35
C GLY A 99 -11.35 6.54 3.27
N GLN A 100 -11.36 7.78 2.79
CA GLN A 100 -12.56 8.56 2.68
C GLN A 100 -13.24 8.42 1.31
N VAL A 101 -12.87 7.37 0.56
CA VAL A 101 -13.36 7.18 -0.81
C VAL A 101 -14.38 6.06 -0.83
N ALA A 102 -15.56 6.33 -1.39
CA ALA A 102 -16.61 5.32 -1.57
C ALA A 102 -16.37 4.64 -2.92
N ASN A 103 -16.91 3.43 -3.07
CA ASN A 103 -16.83 2.73 -4.36
C ASN A 103 -17.30 3.61 -5.51
N GLY A 104 -18.44 4.29 -5.34
CA GLY A 104 -18.98 5.10 -6.42
C GLY A 104 -18.10 6.29 -6.75
N ASP A 105 -17.28 6.77 -5.82
CA ASP A 105 -16.43 7.87 -6.13
C ASP A 105 -15.42 7.53 -7.21
N ILE A 106 -15.05 6.26 -7.34
N ILE A 106 -15.01 6.25 -7.26
CA ILE A 106 -14.12 5.85 -8.39
CA ILE A 106 -14.05 5.76 -8.25
C ILE A 106 -14.83 5.19 -9.55
C ILE A 106 -14.70 5.04 -9.45
N ALA A 107 -15.88 4.45 -9.27
CA ALA A 107 -16.50 3.65 -10.31
C ALA A 107 -17.46 4.43 -11.19
N ARG A 108 -18.11 5.48 -10.65
N ARG A 108 -18.01 5.52 -10.69
CA ARG A 108 -19.06 6.32 -11.40
CA ARG A 108 -19.10 6.17 -11.38
C ARG A 108 -18.28 7.38 -12.14
C ARG A 108 -18.57 7.52 -11.84
N ALA A 109 -18.87 7.92 -13.20
N ALA A 109 -18.64 7.83 -13.14
CA ALA A 109 -18.26 8.98 -13.98
CA ALA A 109 -18.06 9.08 -13.62
C ALA A 109 -18.86 10.34 -13.64
C ALA A 109 -18.83 10.36 -13.29
N ASN A 110 -20.17 10.35 -13.42
CA ASN A 110 -20.92 11.62 -13.50
C ASN A 110 -21.93 11.74 -12.42
N PHE A 111 -22.23 12.97 -11.98
CA PHE A 111 -23.38 13.17 -11.10
C PHE A 111 -24.69 13.10 -11.89
N THR A 112 -24.71 13.64 -13.11
CA THR A 112 -25.93 13.63 -13.94
C THR A 112 -26.40 12.20 -14.08
N GLY A 113 -27.71 12.00 -13.90
CA GLY A 113 -28.35 10.70 -14.01
C GLY A 113 -28.53 10.00 -12.66
N ASP A 114 -27.67 10.33 -11.70
CA ASP A 114 -27.76 9.73 -10.36
C ASP A 114 -28.46 10.64 -9.35
N TYR A 115 -28.51 11.96 -9.65
CA TYR A 115 -29.00 12.96 -8.72
C TYR A 115 -29.88 13.93 -9.46
N HIS A 116 -30.95 14.36 -8.80
CA HIS A 116 -31.76 15.47 -9.29
C HIS A 116 -31.14 16.77 -8.75
N PRO A 117 -30.73 17.70 -9.61
CA PRO A 117 -30.14 18.95 -9.16
C PRO A 117 -31.14 20.09 -9.00
N GLN A 118 -30.92 20.92 -8.00
CA GLN A 118 -31.68 22.13 -7.82
C GLN A 118 -30.72 23.14 -7.21
N LEU A 119 -30.85 24.39 -7.64
CA LEU A 119 -30.05 25.42 -7.00
C LEU A 119 -30.50 25.63 -5.57
N LEU A 120 -29.61 25.47 -4.62
CA LEU A 120 -29.90 25.71 -3.21
C LEU A 120 -29.71 27.20 -2.93
N ARG A 121 -28.56 27.73 -3.30
CA ARG A 121 -28.22 29.11 -3.07
C ARG A 121 -27.02 29.45 -3.95
N ASN A 122 -26.76 30.73 -4.09
CA ASN A 122 -25.47 31.21 -4.57
C ASN A 122 -24.61 31.62 -3.41
N GLU A 123 -23.30 31.43 -3.50
CA GLU A 123 -22.37 31.88 -2.46
C GLU A 123 -21.19 32.58 -3.08
N SER A 124 -20.73 33.63 -2.41
CA SER A 124 -19.53 34.33 -2.77
CA SER A 124 -19.52 34.33 -2.79
C SER A 124 -18.46 33.93 -1.76
N ILE A 125 -17.31 33.55 -2.23
CA ILE A 125 -16.24 33.24 -1.32
C ILE A 125 -15.18 34.04 -2.04
N ASP A 126 -14.89 35.24 -1.50
CA ASP A 126 -13.98 36.23 -2.12
C ASP A 126 -14.51 36.95 -3.38
N ASP A 127 -13.72 37.11 -4.45
CA ASP A 127 -14.28 37.72 -5.65
C ASP A 127 -14.86 36.67 -6.61
N GLU A 128 -15.07 35.44 -6.08
CA GLU A 128 -15.64 34.32 -6.83
C GLU A 128 -17.04 33.96 -6.36
N ASP A 129 -17.94 33.79 -7.33
CA ASP A 129 -19.31 33.40 -7.04
C ASP A 129 -19.50 31.96 -7.49
N TYR A 130 -20.28 31.24 -6.70
CA TYR A 130 -20.55 29.84 -6.91
C TYR A 130 -22.02 29.59 -6.92
N TYR A 131 -22.46 28.72 -7.81
CA TYR A 131 -23.75 28.07 -7.66
C TYR A 131 -23.58 26.96 -6.63
N VAL A 132 -24.49 26.84 -5.66
CA VAL A 132 -24.50 25.70 -4.75
C VAL A 132 -25.68 24.85 -5.14
N LEU A 133 -25.40 23.71 -5.75
CA LEU A 133 -26.46 22.81 -6.17
C LEU A 133 -26.73 21.78 -5.09
N GLU A 134 -28.00 21.54 -4.81
CA GLU A 134 -28.39 20.41 -3.98
C GLU A 134 -28.71 19.25 -4.92
N LEU A 135 -27.98 18.15 -4.75
CA LEU A 135 -28.13 16.95 -5.58
C LEU A 135 -28.80 15.92 -4.73
N THR A 136 -30.03 15.53 -5.10
CA THR A 136 -30.78 14.55 -4.36
C THR A 136 -30.68 13.22 -5.07
N GLY A 137 -30.20 12.22 -4.37
CA GLY A 137 -30.02 10.89 -4.98
C GLY A 137 -31.32 10.36 -5.49
N ILE A 138 -31.31 9.81 -6.68
N ILE A 138 -31.32 9.81 -6.69
CA ILE A 138 -32.55 9.35 -7.28
CA ILE A 138 -32.58 9.36 -7.30
C ILE A 138 -33.15 8.18 -6.46
C ILE A 138 -33.07 7.99 -6.76
N ASP A 139 -32.28 7.33 -5.92
CA ASP A 139 -32.72 6.19 -5.07
C ASP A 139 -31.58 5.71 -4.14
N ARG A 140 -31.87 4.69 -3.33
CA ARG A 140 -30.96 4.27 -2.28
C ARG A 140 -29.76 3.47 -2.78
N SER A 141 -29.72 3.19 -4.08
CA SER A 141 -28.54 2.51 -4.61
C SER A 141 -27.49 3.40 -5.22
N VAL A 142 -27.74 4.71 -5.29
CA VAL A 142 -26.70 5.61 -5.76
C VAL A 142 -25.73 5.83 -4.61
N THR A 143 -24.64 6.52 -4.87
CA THR A 143 -23.57 6.58 -3.89
C THR A 143 -23.98 7.33 -2.62
N TYR A 144 -24.70 8.45 -2.79
CA TYR A 144 -25.14 9.29 -1.67
C TYR A 144 -26.57 9.65 -1.77
N GLN A 145 -27.19 9.93 -0.63
CA GLN A 145 -28.54 10.44 -0.68
C GLN A 145 -28.61 11.92 -0.99
N LYS A 146 -27.61 12.68 -0.59
CA LYS A 146 -27.58 14.10 -0.81
C LYS A 146 -26.15 14.56 -0.94
N VAL A 147 -25.90 15.42 -1.94
CA VAL A 147 -24.61 16.08 -2.11
C VAL A 147 -24.89 17.57 -2.31
N LEU A 148 -24.10 18.47 -1.73
CA LEU A 148 -24.11 19.87 -2.12
C LEU A 148 -22.84 20.11 -2.90
N LEU A 149 -22.98 20.63 -4.11
CA LEU A 149 -21.87 20.84 -5.03
C LEU A 149 -21.74 22.31 -5.36
N TRP A 150 -20.56 22.88 -5.11
CA TRP A 150 -20.25 24.25 -5.48
C TRP A 150 -19.65 24.24 -6.88
N VAL A 151 -20.22 25.03 -7.77
CA VAL A 151 -19.80 25.14 -9.16
C VAL A 151 -19.50 26.61 -9.41
N ASN A 152 -18.29 26.90 -9.88
CA ASN A 152 -17.92 28.29 -10.17
C ASN A 152 -18.81 28.87 -11.24
N GLN A 153 -19.39 30.03 -11.00
CA GLN A 153 -20.30 30.63 -11.98
C GLN A 153 -19.55 31.10 -13.21
N SER A 154 -18.26 31.39 -13.08
CA SER A 154 -17.53 31.99 -14.19
C SER A 154 -17.26 30.96 -15.28
N ASN A 155 -16.90 29.74 -14.92
CA ASN A 155 -16.40 28.74 -15.87
C ASN A 155 -16.95 27.34 -15.61
N PHE A 156 -17.92 27.22 -14.70
CA PHE A 156 -18.58 25.94 -14.39
C PHE A 156 -17.68 24.92 -13.80
N ARG A 157 -16.50 25.32 -13.32
CA ARG A 157 -15.63 24.32 -12.69
C ARG A 157 -16.21 23.83 -11.37
N PRO A 158 -16.10 22.52 -11.11
CA PRO A 158 -16.43 22.08 -9.74
C PRO A 158 -15.40 22.66 -8.78
N TYR A 159 -15.87 23.06 -7.61
CA TYR A 159 -15.02 23.68 -6.61
C TYR A 159 -14.89 22.82 -5.38
N LYS A 160 -16.02 22.45 -4.76
CA LYS A 160 -15.99 21.63 -3.57
C LYS A 160 -17.36 20.99 -3.44
N ALA A 161 -17.43 19.98 -2.59
CA ALA A 161 -18.66 19.29 -2.32
C ALA A 161 -18.77 18.93 -0.86
N GLU A 162 -20.03 18.76 -0.45
CA GLU A 162 -20.36 18.22 0.89
C GLU A 162 -21.25 17.00 0.68
N PHE A 163 -20.93 15.91 1.37
CA PHE A 163 -21.63 14.63 1.17
C PHE A 163 -22.38 14.32 2.46
N TYR A 164 -23.66 13.97 2.31
CA TYR A 164 -24.55 13.77 3.46
C TYR A 164 -25.04 12.35 3.52
N SER A 165 -25.35 11.95 4.75
CA SER A 165 -25.86 10.60 5.01
C SER A 165 -27.29 10.45 4.62
N VAL A 166 -27.79 9.22 4.74
CA VAL A 166 -29.17 8.91 4.39
C VAL A 166 -30.16 9.67 5.30
N SER A 167 -29.67 10.16 6.45
CA SER A 167 -30.45 10.96 7.38
C SER A 167 -30.05 12.44 7.45
N GLY A 168 -29.23 12.89 6.50
CA GLY A 168 -28.90 14.32 6.45
C GLY A 168 -27.72 14.81 7.29
N ARG A 169 -26.89 13.91 7.83
CA ARG A 169 -25.68 14.28 8.58
CA ARG A 169 -25.70 14.33 8.56
C ARG A 169 -24.54 14.50 7.59
N LEU A 170 -23.74 15.53 7.77
CA LEU A 170 -22.54 15.71 6.97
C LEU A 170 -21.56 14.59 7.24
N LEU A 171 -21.10 13.94 6.20
CA LEU A 171 -20.15 12.84 6.34
C LEU A 171 -18.72 13.20 5.93
N LYS A 172 -18.59 13.96 4.85
CA LYS A 172 -17.27 14.28 4.37
C LYS A 172 -17.40 15.42 3.38
N THR A 173 -16.25 15.99 3.03
CA THR A 173 -16.20 17.07 2.08
C THR A 173 -15.12 16.75 1.06
N SER A 174 -15.25 17.31 -0.14
CA SER A 174 -14.22 17.18 -1.13
C SER A 174 -13.86 18.55 -1.70
N ARG A 175 -12.65 18.64 -2.21
CA ARG A 175 -12.17 19.81 -2.96
C ARG A 175 -11.52 19.32 -4.25
N TYR A 176 -11.72 20.08 -5.31
CA TYR A 176 -11.19 19.78 -6.64
C TYR A 176 -9.99 20.70 -6.87
N GLU A 177 -8.86 20.13 -7.26
CA GLU A 177 -7.64 20.90 -7.38
C GLU A 177 -6.79 20.44 -8.58
N ASN A 178 -5.72 21.21 -8.83
CA ASN A 178 -4.69 20.82 -9.79
C ASN A 178 -5.25 20.63 -11.21
N PHE A 179 -5.88 21.68 -11.69
CA PHE A 179 -6.49 21.67 -13.01
C PHE A 179 -5.44 21.68 -14.11
N ASP A 180 -5.65 20.85 -15.14
CA ASP A 180 -4.71 20.70 -16.24
CA ASP A 180 -4.70 20.66 -16.25
C ASP A 180 -5.47 20.49 -17.54
N ASN A 181 -4.90 20.94 -18.66
CA ASN A 181 -5.56 20.84 -19.96
C ASN A 181 -5.47 19.38 -20.46
N ILE A 182 -6.60 18.67 -20.45
CA ILE A 182 -6.67 17.26 -20.77
C ILE A 182 -7.92 17.07 -21.62
N LEU A 183 -7.78 16.58 -22.84
CA LEU A 183 -8.93 16.14 -23.61
C LEU A 183 -10.04 17.16 -23.70
N GLY A 184 -9.66 18.40 -24.02
CA GLY A 184 -10.65 19.42 -24.32
C GLY A 184 -11.08 20.33 -23.19
N GLU A 185 -10.63 20.04 -21.96
CA GLU A 185 -11.03 20.88 -20.82
C GLU A 185 -9.87 21.05 -19.88
N MSE A 186 -9.95 22.09 -19.04
CA MSE A 186 -9.13 22.15 -17.82
C MSE A 186 -9.81 21.26 -16.78
O MSE A 186 -10.88 21.61 -16.29
CB MSE A 186 -9.06 23.58 -17.34
CG MSE A 186 -8.24 24.49 -18.25
SE MSE A 186 -6.39 24.05 -18.35
CE MSE A 186 -5.91 24.44 -16.54
N ARG A 187 -9.19 20.12 -16.49
CA ARG A 187 -9.81 19.12 -15.64
C ARG A 187 -9.04 19.04 -14.31
N PRO A 188 -9.77 18.81 -13.21
CA PRO A 188 -9.08 18.63 -11.93
C PRO A 188 -8.33 17.30 -11.93
N THR A 189 -7.09 17.30 -11.50
CA THR A 189 -6.36 16.07 -11.40
C THR A 189 -6.12 15.63 -9.98
N ARG A 190 -6.57 16.43 -9.01
CA ARG A 190 -6.51 16.05 -7.63
C ARG A 190 -7.86 16.28 -6.98
N ILE A 191 -8.32 15.31 -6.21
CA ILE A 191 -9.46 15.57 -5.35
CA ILE A 191 -9.49 15.46 -5.38
C ILE A 191 -9.03 15.20 -3.96
N ILE A 192 -9.40 16.06 -3.01
CA ILE A 192 -9.11 15.82 -1.59
C ILE A 192 -10.40 15.58 -0.87
N MSE A 193 -10.50 14.43 -0.21
CA MSE A 193 -11.70 14.05 0.53
CA MSE A 193 -11.71 14.05 0.52
C MSE A 193 -11.38 13.98 2.00
O MSE A 193 -10.50 13.24 2.41
CB MSE A 193 -12.29 12.70 0.06
CB MSE A 193 -12.27 12.72 0.00
CG MSE A 193 -12.85 12.79 -1.37
CG MSE A 193 -12.47 12.73 -1.53
SE MSE A 193 -13.91 11.25 -1.86
SE MSE A 193 -13.50 11.29 -2.21
CE MSE A 193 -14.43 11.99 -3.51
CE MSE A 193 -15.17 11.90 -1.61
N GLU A 194 -12.12 14.76 2.78
N GLU A 194 -12.10 14.79 2.80
CA GLU A 194 -11.84 14.96 4.20
CA GLU A 194 -11.81 14.92 4.24
C GLU A 194 -13.01 14.41 5.00
C GLU A 194 -12.98 14.49 5.08
N ASP A 195 -12.73 13.60 6.03
CA ASP A 195 -13.77 13.17 6.95
C ASP A 195 -14.34 14.38 7.68
N ALA A 196 -15.68 14.46 7.77
CA ALA A 196 -16.34 15.49 8.58
C ALA A 196 -16.58 15.05 9.99
N LEU A 197 -16.39 13.77 10.27
CA LEU A 197 -16.59 13.20 11.58
C LEU A 197 -15.27 13.19 12.36
N LYS A 198 -14.93 12.07 13.00
CA LYS A 198 -13.88 12.05 14.01
CA LYS A 198 -13.88 12.06 14.03
C LYS A 198 -12.57 11.39 13.63
N SER A 199 -12.47 10.81 12.44
CA SER A 199 -11.27 9.98 12.17
C SER A 199 -10.00 10.79 11.94
N GLY A 200 -10.16 12.02 11.47
CA GLY A 200 -9.02 12.81 11.04
C GLY A 200 -8.46 12.41 9.69
N GLU A 201 -9.10 11.47 9.02
CA GLU A 201 -8.59 11.04 7.73
C GLU A 201 -8.82 12.05 6.64
N VAL A 202 -7.81 12.15 5.79
CA VAL A 202 -7.89 12.88 4.52
C VAL A 202 -7.34 11.96 3.43
N SER A 203 -8.12 11.76 2.37
CA SER A 203 -7.66 11.00 1.21
C SER A 203 -7.41 11.93 0.07
N VAL A 204 -6.22 11.81 -0.52
CA VAL A 204 -5.82 12.61 -1.66
C VAL A 204 -5.79 11.69 -2.87
N LEU A 205 -6.63 12.00 -3.86
CA LEU A 205 -6.78 11.22 -5.10
C LEU A 205 -6.12 11.96 -6.23
N ASP A 206 -5.12 11.34 -6.86
CA ASP A 206 -4.46 11.95 -8.00
C ASP A 206 -4.71 11.11 -9.24
N TYR A 207 -5.16 11.78 -10.28
CA TYR A 207 -5.56 11.18 -11.55
C TYR A 207 -4.49 11.39 -12.56
N SER A 208 -4.09 10.34 -13.29
CA SER A 208 -2.99 10.46 -14.27
C SER A 208 -3.29 9.59 -15.46
N ASP A 209 -2.61 9.93 -16.55
CA ASP A 209 -2.68 9.21 -17.82
C ASP A 209 -4.10 8.96 -18.29
N MSE A 210 -4.91 9.98 -18.24
CA MSE A 210 -6.25 9.89 -18.76
C MSE A 210 -6.20 9.78 -20.28
O MSE A 210 -5.55 10.59 -20.93
CB MSE A 210 -7.02 11.12 -18.31
CG MSE A 210 -8.50 11.01 -18.56
SE MSE A 210 -9.51 12.55 -17.93
CE MSE A 210 -9.26 12.33 -16.07
N LYS A 211 -6.92 8.82 -20.84
CA LYS A 211 -6.89 8.69 -22.30
C LYS A 211 -8.20 8.08 -22.73
N LEU A 212 -8.67 8.51 -23.91
CA LEU A 212 -9.90 7.91 -24.45
C LEU A 212 -9.63 6.48 -24.88
N ARG A 213 -10.61 5.62 -24.74
CA ARG A 213 -10.40 4.20 -25.04
C ARG A 213 -11.73 3.63 -25.44
N ASP A 214 -11.77 2.78 -26.46
CA ASP A 214 -12.98 2.06 -26.80
C ASP A 214 -13.22 0.93 -25.79
N LEU A 215 -14.39 0.91 -25.19
CA LEU A 215 -14.70 -0.07 -24.16
C LEU A 215 -15.93 -0.84 -24.59
N PRO A 216 -15.74 -1.94 -25.30
CA PRO A 216 -16.88 -2.71 -25.77
C PRO A 216 -17.73 -3.21 -24.64
N ASP A 217 -19.03 -3.25 -24.89
CA ASP A 217 -19.95 -3.81 -23.90
C ASP A 217 -19.49 -5.20 -23.41
N LYS A 218 -18.92 -5.98 -24.32
CA LYS A 218 -18.53 -7.33 -24.02
C LYS A 218 -17.36 -7.49 -23.06
N ILE A 219 -16.64 -6.44 -22.70
CA ILE A 219 -15.63 -6.57 -21.62
C ILE A 219 -16.24 -6.51 -20.24
N PHE A 220 -17.49 -6.06 -20.11
CA PHE A 220 -18.06 -5.82 -18.79
C PHE A 220 -18.76 -7.07 -18.32
N THR A 221 -17.94 -8.12 -18.08
CA THR A 221 -18.44 -9.45 -17.68
C THR A 221 -17.49 -10.07 -16.65
N LYS A 222 -18.03 -11.02 -15.89
CA LYS A 222 -17.25 -11.79 -14.96
C LYS A 222 -16.14 -12.58 -15.64
N ASP A 223 -16.40 -13.06 -16.86
CA ASP A 223 -15.39 -13.83 -17.57
C ASP A 223 -14.18 -13.00 -17.95
N TYR A 224 -14.40 -11.72 -18.32
CA TYR A 224 -13.30 -10.88 -18.69
C TYR A 224 -12.33 -10.69 -17.49
N LEU A 225 -12.88 -10.74 -16.27
CA LEU A 225 -12.09 -10.46 -15.06
C LEU A 225 -11.54 -11.71 -14.37
N LYS A 226 -11.61 -12.87 -15.01
CA LYS A 226 -11.10 -14.12 -14.42
C LYS A 226 -9.60 -14.17 -14.69
N ARG A 227 -8.82 -13.72 -13.72
CA ARG A 227 -7.37 -13.55 -13.92
C ARG A 227 -6.60 -14.06 -12.73
N LEU A 228 -5.32 -14.33 -12.97
CA LEU A 228 -4.39 -14.67 -11.90
C LEU A 228 -3.00 -14.36 -12.39
N GLU A 229 -2.34 -13.39 -11.75
CA GLU A 229 -1.04 -12.93 -12.24
C GLU A 229 0.14 -13.32 -11.35
N ALA B 6 37.67 -6.77 -10.79
CA ALA B 6 36.24 -6.75 -11.16
C ALA B 6 35.38 -7.04 -9.91
N VAL B 7 34.31 -7.81 -10.04
CA VAL B 7 33.44 -7.98 -8.85
C VAL B 7 34.10 -8.90 -7.83
N THR B 8 33.85 -8.65 -6.56
CA THR B 8 34.31 -9.57 -5.51
C THR B 8 33.07 -10.09 -4.76
N ALA B 9 33.22 -11.16 -3.99
CA ALA B 9 32.05 -11.61 -3.21
C ALA B 9 31.58 -10.50 -2.27
N GLN B 10 32.52 -9.75 -1.69
CA GLN B 10 32.17 -8.63 -0.83
CA GLN B 10 32.11 -8.67 -0.81
C GLN B 10 31.37 -7.57 -1.58
N SER B 11 31.83 -7.24 -2.79
CA SER B 11 31.13 -6.19 -3.51
C SER B 11 29.78 -6.66 -4.00
N ILE B 12 29.65 -7.92 -4.39
CA ILE B 12 28.34 -8.45 -4.78
C ILE B 12 27.36 -8.29 -3.61
N LEU B 13 27.81 -8.70 -2.43
CA LEU B 13 26.95 -8.65 -1.24
C LEU B 13 26.60 -7.21 -0.88
N GLU B 14 27.59 -6.32 -0.95
N GLU B 14 27.57 -6.30 -0.96
CA GLU B 14 27.36 -4.88 -0.72
CA GLU B 14 27.28 -4.91 -0.65
C GLU B 14 26.27 -4.35 -1.66
C GLU B 14 26.33 -4.27 -1.67
N LYS B 15 26.40 -4.69 -2.93
CA LYS B 15 25.51 -4.13 -3.94
C LYS B 15 24.10 -4.65 -3.72
N ALA B 16 23.99 -5.92 -3.35
CA ALA B 16 22.67 -6.48 -3.01
C ALA B 16 22.08 -5.81 -1.76
N ASP B 17 22.90 -5.60 -0.74
CA ASP B 17 22.44 -4.89 0.45
C ASP B 17 21.95 -3.47 0.13
N GLU B 18 22.64 -2.74 -0.73
N GLU B 18 22.69 -2.79 -0.75
CA GLU B 18 22.24 -1.35 -0.96
CA GLU B 18 22.41 -1.42 -1.19
C GLU B 18 21.08 -1.23 -1.92
C GLU B 18 21.08 -1.29 -1.84
N ILE B 19 20.71 -2.31 -2.59
CA ILE B 19 19.43 -2.37 -3.25
C ILE B 19 18.30 -2.67 -2.28
N ARG B 20 18.54 -3.61 -1.38
CA ARG B 20 17.49 -3.91 -0.41
C ARG B 20 17.10 -2.68 0.43
N PHE B 21 18.09 -1.97 0.97
CA PHE B 21 17.83 -0.86 1.88
C PHE B 21 18.84 0.26 1.66
N PRO B 22 18.38 1.52 1.86
CA PRO B 22 19.35 2.61 1.87
C PRO B 22 20.41 2.31 2.93
N GLN B 23 21.65 2.67 2.64
CA GLN B 23 22.76 2.54 3.57
C GLN B 23 22.85 3.81 4.39
N ASP B 24 21.85 4.01 5.23
N ASP B 24 21.79 4.05 5.14
CA ASP B 24 21.67 5.25 5.97
CA ASP B 24 21.55 5.30 5.86
C ASP B 24 20.45 5.04 6.86
C ASP B 24 20.56 4.97 6.97
N SER B 25 20.28 5.97 7.79
CA SER B 25 19.26 5.84 8.83
C SER B 25 17.89 6.08 8.22
N PHE B 26 16.95 5.19 8.53
CA PHE B 26 15.62 5.34 7.96
C PHE B 26 14.55 4.70 8.84
N GLN B 27 13.31 5.03 8.54
CA GLN B 27 12.16 4.39 9.20
C GLN B 27 11.33 3.68 8.14
N VAL B 28 10.70 2.57 8.52
CA VAL B 28 9.84 1.89 7.58
C VAL B 28 8.76 1.12 8.34
N ASN B 29 7.63 0.94 7.67
CA ASN B 29 6.53 0.12 8.22
C ASN B 29 6.62 -1.27 7.62
N VAL B 30 6.39 -2.29 8.45
CA VAL B 30 6.44 -3.67 8.00
C VAL B 30 5.20 -4.41 8.45
N ALA B 31 4.49 -4.95 7.49
CA ALA B 31 3.31 -5.82 7.76
C ALA B 31 3.77 -7.25 7.52
N ILE B 32 3.48 -8.15 8.45
CA ILE B 32 3.83 -9.56 8.27
C ILE B 32 2.58 -10.42 8.41
N ARG B 33 2.23 -11.16 7.34
CA ARG B 33 1.08 -12.06 7.35
C ARG B 33 1.57 -13.51 7.25
N THR B 34 1.28 -14.31 8.27
CA THR B 34 1.73 -15.70 8.30
C THR B 34 0.51 -16.60 8.27
N ALA B 35 0.53 -17.57 7.36
CA ALA B 35 -0.54 -18.53 7.26
C ALA B 35 0.04 -19.91 7.01
N ALA B 36 -0.57 -20.94 7.61
CA ALA B 36 -0.34 -22.37 7.27
C ALA B 36 -1.71 -23.00 7.02
N PRO B 37 -1.76 -24.03 6.15
CA PRO B 37 -3.02 -24.71 5.87
C PRO B 37 -3.75 -25.12 7.13
N ASP B 38 -5.06 -24.83 7.12
CA ASP B 38 -5.99 -25.17 8.19
C ASP B 38 -5.73 -24.52 9.53
N HIS B 39 -4.83 -23.53 9.55
CA HIS B 39 -4.61 -22.73 10.75
C HIS B 39 -4.89 -21.27 10.55
N ALA B 40 -5.17 -20.55 11.63
CA ALA B 40 -5.45 -19.15 11.57
C ALA B 40 -4.25 -18.34 11.18
N GLU B 41 -4.50 -17.37 10.31
N GLU B 41 -4.50 -17.35 10.34
CA GLU B 41 -3.50 -16.34 10.00
CA GLU B 41 -3.48 -16.39 9.94
C GLU B 41 -3.09 -15.52 11.23
C GLU B 41 -3.12 -15.35 11.02
N ASP B 42 -1.81 -15.19 11.27
CA ASP B 42 -1.27 -14.13 12.19
C ASP B 42 -0.87 -12.90 11.35
N LEU B 43 -1.47 -11.74 11.59
CA LEU B 43 -1.04 -10.47 10.99
C LEU B 43 -0.50 -9.57 12.06
N TYR B 44 0.74 -9.15 11.83
CA TYR B 44 1.46 -8.25 12.71
C TYR B 44 1.93 -7.06 11.92
N ARG B 45 1.91 -5.89 12.54
CA ARG B 45 2.49 -4.68 11.92
C ARG B 45 3.48 -4.04 12.85
N TYR B 46 4.58 -3.56 12.26
CA TYR B 46 5.68 -2.92 13.00
C TYR B 46 6.11 -1.61 12.36
N GLN B 47 6.64 -0.71 13.19
CA GLN B 47 7.46 0.40 12.75
C GLN B 47 8.88 0.04 13.13
N VAL B 48 9.79 0.26 12.18
N VAL B 48 9.79 0.18 12.17
CA VAL B 48 11.20 -0.09 12.33
CA VAL B 48 11.19 -0.05 12.42
C VAL B 48 12.04 1.18 12.15
C VAL B 48 11.94 1.26 12.25
N LEU B 49 12.85 1.53 13.17
CA LEU B 49 13.80 2.60 13.05
C LEU B 49 15.14 1.89 12.83
N SER B 50 15.78 2.09 11.68
CA SER B 50 16.92 1.30 11.29
C SER B 50 18.17 2.16 11.14
N LYS B 51 19.19 1.84 11.90
CA LYS B 51 20.47 2.51 11.74
C LYS B 51 21.50 1.43 11.45
N GLY B 52 21.35 0.84 10.26
CA GLY B 52 22.26 -0.21 9.74
C GLY B 52 22.24 -1.41 10.63
N ASN B 53 23.42 -1.90 10.99
CA ASN B 53 23.60 -3.03 11.88
C ASN B 53 24.13 -2.60 13.27
N GLU B 54 24.10 -1.31 13.53
CA GLU B 54 24.59 -0.80 14.79
C GLU B 54 23.47 -0.62 15.81
N ASN B 55 22.36 -0.07 15.33
CA ASN B 55 21.21 0.15 16.20
C ASN B 55 19.90 0.04 15.46
N SER B 56 18.88 -0.39 16.15
CA SER B 56 17.55 -0.28 15.60
C SER B 56 16.53 -0.37 16.72
N ILE B 57 15.35 0.09 16.40
CA ILE B 57 14.18 -0.14 17.24
C ILE B 57 13.06 -0.78 16.40
N VAL B 58 12.46 -1.84 16.93
CA VAL B 58 11.33 -2.51 16.25
C VAL B 58 10.15 -2.45 17.21
N MSE B 59 9.10 -1.76 16.77
CA MSE B 59 7.92 -1.49 17.60
C MSE B 59 6.67 -2.11 16.98
O MSE B 59 6.37 -1.87 15.81
CB MSE B 59 7.69 0.03 17.75
CG MSE B 59 8.90 0.84 18.24
SE MSE B 59 8.68 2.80 18.50
CE MSE B 59 8.09 2.81 20.37
N ILE B 60 5.93 -2.88 17.76
N ILE B 60 5.94 -2.90 17.76
CA ILE B 60 4.74 -3.51 17.23
CA ILE B 60 4.68 -3.49 17.33
C ILE B 60 3.51 -2.60 17.38
C ILE B 60 3.60 -2.40 17.34
N THR B 61 2.83 -2.35 16.26
CA THR B 61 1.65 -1.48 16.20
C THR B 61 0.29 -2.23 16.05
N GLU B 62 0.32 -3.46 15.54
N GLU B 62 0.33 -3.48 15.59
CA GLU B 62 -0.86 -4.34 15.40
CA GLU B 62 -0.84 -4.33 15.39
C GLU B 62 -0.38 -5.78 15.59
C GLU B 62 -0.38 -5.79 15.59
N PRO B 63 -1.20 -6.68 16.18
CA PRO B 63 -2.58 -6.53 16.64
C PRO B 63 -2.65 -5.79 17.95
N ALA B 64 -3.86 -5.46 18.34
CA ALA B 64 -4.10 -4.75 19.57
C ALA B 64 -3.52 -5.42 20.82
N SER B 65 -3.61 -6.75 20.92
CA SER B 65 -3.17 -7.48 22.12
C SER B 65 -1.67 -7.27 22.41
N GLU B 66 -0.90 -6.90 21.37
CA GLU B 66 0.56 -6.83 21.47
C GLU B 66 1.09 -5.44 21.20
N ARG B 67 0.22 -4.54 20.74
CA ARG B 67 0.56 -3.15 20.39
C ARG B 67 1.39 -2.48 21.49
N GLY B 68 2.45 -1.77 21.11
CA GLY B 68 3.25 -0.99 22.05
C GLY B 68 4.57 -1.62 22.48
N GLN B 69 4.78 -2.88 22.17
CA GLN B 69 5.99 -3.59 22.56
CA GLN B 69 6.00 -3.59 22.56
C GLN B 69 7.16 -3.22 21.66
N ALA B 70 8.29 -2.80 22.24
CA ALA B 70 9.48 -2.38 21.45
C ALA B 70 10.78 -3.13 21.77
N ILE B 71 11.54 -3.48 20.72
CA ILE B 71 12.82 -4.20 20.84
C ILE B 71 13.90 -3.22 20.46
N LEU B 72 14.97 -3.17 21.26
N LEU B 72 15.00 -3.16 21.23
CA LEU B 72 16.15 -2.36 20.97
CA LEU B 72 16.10 -2.27 20.95
C LEU B 72 17.29 -3.26 20.56
C LEU B 72 17.36 -3.10 20.66
N MSE B 73 17.98 -2.91 19.49
CA MSE B 73 19.20 -3.58 19.11
CA MSE B 73 19.22 -3.59 19.13
C MSE B 73 20.38 -2.64 19.33
O MSE B 73 20.31 -1.49 18.95
CB MSE B 73 19.12 -3.93 17.65
CB MSE B 73 19.19 -4.08 17.67
CG MSE B 73 20.32 -4.57 17.09
CG MSE B 73 20.51 -4.64 17.19
SE MSE B 73 19.92 -4.65 15.23
SE MSE B 73 20.40 -5.37 15.39
CE MSE B 73 20.81 -3.16 14.55
CE MSE B 73 19.40 -4.21 14.46
N LYS B 74 21.45 -3.15 19.98
CA LYS B 74 22.77 -2.48 20.15
C LYS B 74 23.74 -3.56 19.76
N GLY B 75 24.39 -3.43 18.60
CA GLY B 75 25.28 -4.46 18.11
C GLY B 75 24.55 -5.77 17.91
N ARG B 76 25.12 -6.86 18.46
CA ARG B 76 24.59 -8.23 18.32
C ARG B 76 23.58 -8.61 19.42
N ASP B 77 23.28 -7.65 20.29
CA ASP B 77 22.30 -7.86 21.37
C ASP B 77 20.98 -7.14 21.11
N LEU B 78 19.91 -7.84 21.43
CA LEU B 78 18.60 -7.20 21.45
C LEU B 78 18.10 -7.14 22.87
N TRP B 79 17.31 -6.13 23.17
N TRP B 79 17.37 -6.09 23.18
CA TRP B 79 16.86 -5.82 24.53
CA TRP B 79 16.77 -5.91 24.50
C TRP B 79 15.40 -5.41 24.53
C TRP B 79 15.31 -5.59 24.43
N VAL B 80 14.65 -5.91 25.50
CA VAL B 80 13.26 -5.54 25.63
C VAL B 80 12.95 -5.29 27.09
N PHE B 81 12.01 -4.40 27.37
CA PHE B 81 11.45 -4.23 28.70
C PHE B 81 10.07 -4.78 28.74
N MSE B 82 9.81 -5.61 29.73
N MSE B 82 9.83 -5.50 29.82
CA MSE B 82 8.43 -6.02 29.91
CA MSE B 82 8.51 -6.01 30.06
C MSE B 82 8.03 -5.82 31.39
C MSE B 82 8.04 -5.76 31.47
O MSE B 82 8.89 -5.71 32.28
O MSE B 82 8.86 -5.60 32.40
CB MSE B 82 8.18 -7.44 29.38
CB MSE B 82 8.47 -7.48 29.70
CG MSE B 82 6.88 -7.58 28.53
CG MSE B 82 8.60 -7.65 28.22
SE MSE B 82 6.88 -7.18 26.59
SE MSE B 82 8.71 -9.49 27.81
CE MSE B 82 7.36 -8.97 25.94
CE MSE B 82 7.80 -9.43 26.07
N PRO B 83 6.72 -5.71 31.65
CA PRO B 83 6.22 -5.52 32.99
C PRO B 83 6.72 -6.59 33.95
N SER B 84 6.94 -6.20 35.19
CA SER B 84 7.37 -7.08 36.29
C SER B 84 8.83 -7.47 36.18
N VAL B 85 9.56 -6.85 35.25
CA VAL B 85 10.99 -7.09 35.09
C VAL B 85 11.70 -5.75 35.06
N SER B 86 12.52 -5.51 36.07
CA SER B 86 13.15 -4.22 36.24
C SER B 86 14.17 -3.89 35.17
N GLN B 87 15.07 -4.83 34.89
CA GLN B 87 16.14 -4.59 33.95
C GLN B 87 15.79 -5.19 32.59
N PRO B 88 16.32 -4.62 31.49
CA PRO B 88 15.95 -5.09 30.17
C PRO B 88 16.45 -6.48 29.97
N ILE B 89 15.71 -7.21 29.15
CA ILE B 89 15.94 -8.63 28.92
CA ILE B 89 15.98 -8.62 28.94
C ILE B 89 16.69 -8.77 27.59
N ARG B 90 17.75 -9.58 27.55
CA ARG B 90 18.55 -9.78 26.32
C ARG B 90 17.88 -10.79 25.42
N LEU B 91 17.71 -10.42 24.16
CA LEU B 91 17.16 -11.32 23.14
C LEU B 91 18.25 -11.63 22.12
N SER B 92 17.97 -12.65 21.32
N SER B 92 18.13 -12.75 21.41
CA SER B 92 18.87 -13.10 20.28
CA SER B 92 19.07 -13.01 20.31
C SER B 92 18.40 -12.63 18.90
C SER B 92 18.47 -12.77 18.94
N LEU B 93 19.36 -12.46 18.00
CA LEU B 93 19.01 -12.23 16.61
C LEU B 93 18.28 -13.41 15.98
N SER B 94 18.61 -14.62 16.42
CA SER B 94 18.00 -15.80 15.84
C SER B 94 16.64 -16.16 16.40
N GLN B 95 16.25 -15.59 17.52
CA GLN B 95 14.93 -15.85 18.08
C GLN B 95 13.82 -15.45 17.13
N ARG B 96 12.66 -16.06 17.30
CA ARG B 96 11.54 -15.83 16.43
C ARG B 96 10.81 -14.53 16.78
N LEU B 97 10.55 -13.74 15.76
CA LEU B 97 9.75 -12.55 15.90
C LEU B 97 8.29 -12.98 15.76
N THR B 98 7.90 -13.46 14.58
CA THR B 98 6.57 -14.02 14.31
C THR B 98 6.70 -14.92 13.08
N GLY B 99 5.90 -15.96 13.03
CA GLY B 99 5.92 -16.84 11.87
C GLY B 99 7.33 -17.31 11.53
N GLN B 100 7.68 -17.20 10.27
CA GLN B 100 8.99 -17.59 9.77
C GLN B 100 10.00 -16.47 9.79
N VAL B 101 9.75 -15.41 10.56
CA VAL B 101 10.61 -14.25 10.61
C VAL B 101 11.39 -14.24 11.90
N ALA B 102 12.72 -14.15 11.78
CA ALA B 102 13.58 -14.04 12.97
C ALA B 102 13.70 -12.59 13.37
N ASN B 103 14.05 -12.31 14.62
CA ASN B 103 14.32 -10.93 15.07
C ASN B 103 15.30 -10.25 14.15
N GLY B 104 16.40 -10.93 13.76
CA GLY B 104 17.44 -10.29 12.96
C GLY B 104 16.92 -9.95 11.57
N ASP B 105 15.93 -10.71 11.07
CA ASP B 105 15.37 -10.43 9.76
C ASP B 105 14.75 -9.06 9.67
N ILE B 106 14.27 -8.52 10.78
N ILE B 106 14.23 -8.55 10.79
CA ILE B 106 13.69 -7.20 10.82
CA ILE B 106 13.59 -7.25 10.86
C ILE B 106 14.63 -6.16 11.41
C ILE B 106 14.43 -6.14 11.54
N ALA B 107 15.30 -6.54 12.48
CA ALA B 107 16.09 -5.60 13.27
C ALA B 107 17.40 -5.23 12.57
N ARG B 108 17.97 -6.11 11.75
CA ARG B 108 19.31 -5.96 11.13
CA ARG B 108 19.27 -5.88 11.19
C ARG B 108 19.13 -5.62 9.68
N ALA B 109 19.63 -4.48 9.23
CA ALA B 109 19.40 -4.07 7.85
C ALA B 109 20.18 -4.86 6.79
N ASN B 110 21.42 -5.23 7.08
CA ASN B 110 22.35 -5.66 6.06
C ASN B 110 22.94 -7.01 6.38
N PHE B 111 23.30 -7.74 5.30
CA PHE B 111 24.08 -8.94 5.48
C PHE B 111 25.57 -8.60 5.70
N THR B 112 26.06 -7.56 5.03
CA THR B 112 27.47 -7.21 5.13
C THR B 112 27.79 -6.88 6.58
N GLY B 113 28.93 -7.43 7.04
CA GLY B 113 29.39 -7.27 8.40
C GLY B 113 29.00 -8.41 9.31
N ASP B 114 27.98 -9.17 8.93
CA ASP B 114 27.55 -10.31 9.75
C ASP B 114 27.98 -11.66 9.15
N TYR B 115 28.35 -11.66 7.87
CA TYR B 115 28.68 -12.91 7.17
C TYR B 115 29.92 -12.77 6.33
N HIS B 116 30.75 -13.82 6.27
CA HIS B 116 31.84 -13.92 5.27
C HIS B 116 31.17 -14.41 3.97
N PRO B 117 31.19 -13.61 2.89
CA PRO B 117 30.65 -14.11 1.61
C PRO B 117 31.72 -14.77 0.73
N GLN B 118 31.32 -15.83 0.03
N GLN B 118 31.33 -15.84 0.05
CA GLN B 118 32.20 -16.48 -0.96
CA GLN B 118 32.16 -16.46 -0.97
C GLN B 118 31.31 -17.05 -2.05
C GLN B 118 31.21 -16.85 -2.09
N LEU B 119 31.70 -16.84 -3.31
CA LEU B 119 30.88 -17.34 -4.43
C LEU B 119 30.89 -18.85 -4.43
N LEU B 120 29.75 -19.50 -4.22
CA LEU B 120 29.69 -20.95 -4.29
C LEU B 120 29.53 -21.45 -5.74
N ARG B 121 28.63 -20.83 -6.49
CA ARG B 121 28.41 -21.21 -7.88
C ARG B 121 27.77 -20.05 -8.59
N ASN B 122 27.81 -20.12 -9.92
CA ASN B 122 26.96 -19.32 -10.80
C ASN B 122 25.83 -20.18 -11.23
N GLU B 123 24.62 -19.64 -11.25
N GLU B 123 24.65 -19.59 -11.38
CA GLU B 123 23.47 -20.37 -11.79
CA GLU B 123 23.48 -20.35 -11.76
C GLU B 123 22.85 -19.53 -12.87
C GLU B 123 22.61 -19.57 -12.73
N SER B 124 22.31 -20.21 -13.87
CA SER B 124 21.48 -19.61 -14.89
C SER B 124 20.08 -20.13 -14.70
N ILE B 125 19.12 -19.23 -14.71
CA ILE B 125 17.70 -19.55 -14.57
C ILE B 125 17.02 -18.78 -15.69
N ASP B 126 16.41 -19.50 -16.62
CA ASP B 126 15.94 -18.85 -17.84
C ASP B 126 17.11 -18.17 -18.51
N ASP B 127 16.96 -16.89 -18.88
CA ASP B 127 18.06 -16.18 -19.54
C ASP B 127 18.81 -15.24 -18.62
N GLU B 128 18.74 -15.48 -17.32
CA GLU B 128 19.52 -14.66 -16.43
C GLU B 128 20.48 -15.47 -15.58
N ASP B 129 21.56 -14.82 -15.21
CA ASP B 129 22.59 -15.44 -14.40
C ASP B 129 22.54 -14.85 -13.00
N TYR B 130 22.89 -15.70 -12.04
CA TYR B 130 22.90 -15.36 -10.63
C TYR B 130 24.21 -15.78 -10.02
N TYR B 131 24.76 -14.93 -9.17
CA TYR B 131 25.79 -15.34 -8.22
C TYR B 131 25.09 -16.04 -7.07
N VAL B 132 25.54 -17.24 -6.72
CA VAL B 132 25.04 -17.88 -5.51
C VAL B 132 26.11 -17.74 -4.47
N LEU B 133 25.91 -16.79 -3.54
CA LEU B 133 26.87 -16.53 -2.48
C LEU B 133 26.60 -17.43 -1.28
N GLU B 134 27.66 -18.07 -0.78
CA GLU B 134 27.58 -18.72 0.49
C GLU B 134 28.02 -17.72 1.57
N LEU B 135 27.11 -17.45 2.52
CA LEU B 135 27.33 -16.52 3.60
C LEU B 135 27.53 -17.31 4.86
N THR B 136 28.71 -17.18 5.47
CA THR B 136 29.02 -17.91 6.69
C THR B 136 28.95 -16.90 7.85
N GLY B 137 28.14 -17.16 8.84
CA GLY B 137 28.04 -16.20 9.93
C GLY B 137 29.41 -15.99 10.58
N ILE B 138 29.68 -14.75 10.95
N ILE B 138 29.69 -14.73 10.91
CA ILE B 138 31.00 -14.42 11.50
CA ILE B 138 31.00 -14.39 11.50
C ILE B 138 31.21 -14.80 12.97
C ILE B 138 31.22 -15.11 12.83
N ASP B 139 30.16 -15.21 13.63
CA ASP B 139 30.21 -15.88 14.93
C ASP B 139 28.82 -16.44 15.17
N ARG B 140 28.69 -17.16 16.29
CA ARG B 140 27.46 -17.83 16.63
C ARG B 140 26.36 -16.90 17.09
N SER B 141 26.67 -15.61 17.19
CA SER B 141 25.68 -14.59 17.59
C SER B 141 24.87 -13.98 16.44
N VAL B 142 25.32 -14.18 15.21
CA VAL B 142 24.55 -13.59 14.10
C VAL B 142 23.27 -14.40 13.85
N THR B 143 22.38 -13.92 12.96
CA THR B 143 21.04 -14.51 12.86
C THR B 143 21.09 -15.95 12.35
N TYR B 144 21.94 -16.23 11.38
CA TYR B 144 22.10 -17.58 10.82
C TYR B 144 23.55 -18.02 10.76
N GLN B 145 23.83 -19.31 10.73
N GLN B 145 23.78 -19.33 10.82
CA GLN B 145 25.22 -19.76 10.55
CA GLN B 145 25.12 -19.90 10.64
C GLN B 145 25.60 -19.95 9.09
C GLN B 145 25.50 -19.80 9.15
N LYS B 146 24.59 -20.20 8.25
CA LYS B 146 24.85 -20.38 6.82
CA LYS B 146 24.87 -20.21 6.85
C LYS B 146 23.62 -19.86 6.06
N VAL B 147 23.86 -19.04 5.04
CA VAL B 147 22.82 -18.61 4.12
C VAL B 147 23.39 -18.76 2.70
N LEU B 148 22.57 -19.24 1.77
CA LEU B 148 22.87 -19.10 0.35
C LEU B 148 22.01 -18.01 -0.19
N LEU B 149 22.62 -17.01 -0.84
CA LEU B 149 21.89 -15.86 -1.40
C LEU B 149 22.14 -15.77 -2.87
N TRP B 150 21.07 -15.74 -3.64
CA TRP B 150 21.16 -15.54 -5.10
C TRP B 150 21.06 -14.07 -5.41
N VAL B 151 22.04 -13.57 -6.17
CA VAL B 151 22.13 -12.16 -6.52
C VAL B 151 22.22 -12.09 -8.05
N ASN B 152 21.34 -11.31 -8.67
CA ASN B 152 21.34 -11.20 -10.14
C ASN B 152 22.68 -10.65 -10.63
N GLN B 153 23.30 -11.29 -11.61
CA GLN B 153 24.63 -10.84 -12.04
C GLN B 153 24.61 -9.53 -12.79
N SER B 154 23.46 -9.19 -13.38
N SER B 154 23.50 -9.18 -13.42
CA SER B 154 23.36 -8.02 -14.23
CA SER B 154 23.47 -7.95 -14.21
C SER B 154 23.12 -6.72 -13.47
C SER B 154 23.26 -6.72 -13.34
N ASN B 155 22.27 -6.77 -12.45
CA ASN B 155 21.90 -5.58 -11.69
C ASN B 155 21.98 -5.75 -10.18
N PHE B 156 22.53 -6.88 -9.72
CA PHE B 156 22.81 -7.12 -8.29
C PHE B 156 21.58 -7.21 -7.42
N ARG B 157 20.40 -7.36 -8.00
CA ARG B 157 19.21 -7.52 -7.14
C ARG B 157 19.23 -8.83 -6.40
N PRO B 158 18.81 -8.81 -5.13
CA PRO B 158 18.60 -10.07 -4.45
C PRO B 158 17.41 -10.78 -5.09
N TYR B 159 17.53 -12.11 -5.20
CA TYR B 159 16.54 -12.93 -5.86
C TYR B 159 15.86 -13.88 -4.87
N LYS B 160 16.64 -14.69 -4.16
CA LYS B 160 16.09 -15.66 -3.20
C LYS B 160 17.22 -16.07 -2.29
N ALA B 161 16.86 -16.74 -1.20
CA ALA B 161 17.83 -17.19 -0.23
C ALA B 161 17.39 -18.50 0.36
N GLU B 162 18.35 -19.26 0.86
CA GLU B 162 18.17 -20.48 1.66
C GLU B 162 18.91 -20.32 2.96
N PHE B 163 18.23 -20.65 4.08
CA PHE B 163 18.78 -20.44 5.42
C PHE B 163 18.99 -21.80 6.07
N TYR B 164 20.17 -22.03 6.66
CA TYR B 164 20.52 -23.33 7.19
C TYR B 164 20.78 -23.25 8.67
N SER B 165 20.51 -24.34 9.37
CA SER B 165 20.74 -24.46 10.81
C SER B 165 22.22 -24.71 11.08
N VAL B 166 22.59 -24.62 12.37
CA VAL B 166 23.93 -25.02 12.83
C VAL B 166 24.15 -26.49 12.46
N SER B 167 23.09 -27.30 12.50
CA SER B 167 23.27 -28.75 12.18
C SER B 167 23.27 -28.98 10.65
N GLY B 168 23.13 -27.89 9.86
CA GLY B 168 23.33 -27.95 8.39
C GLY B 168 22.08 -28.25 7.57
N ARG B 169 20.95 -28.21 8.25
N ARG B 169 20.95 -28.32 8.26
CA ARG B 169 19.71 -28.61 7.68
CA ARG B 169 19.70 -28.64 7.62
C ARG B 169 19.02 -27.34 7.20
C ARG B 169 19.11 -27.33 7.14
N LEU B 170 18.34 -27.46 6.07
CA LEU B 170 17.61 -26.35 5.52
C LEU B 170 16.48 -25.98 6.48
N LEU B 171 16.45 -24.73 6.91
CA LEU B 171 15.40 -24.28 7.82
C LEU B 171 14.27 -23.57 7.12
N LYS B 172 14.58 -22.71 6.15
CA LYS B 172 13.57 -21.91 5.52
C LYS B 172 14.18 -21.31 4.25
N THR B 173 13.31 -20.77 3.41
CA THR B 173 13.70 -20.08 2.20
C THR B 173 13.06 -18.71 2.18
N SER B 174 13.64 -17.79 1.39
CA SER B 174 13.01 -16.52 1.11
C SER B 174 13.07 -16.19 -0.36
N ARG B 175 12.12 -15.34 -0.77
N ARG B 175 12.16 -15.33 -0.80
CA ARG B 175 12.00 -14.76 -2.10
CA ARG B 175 12.19 -14.78 -2.16
C ARG B 175 11.86 -13.25 -1.96
C ARG B 175 11.79 -13.31 -2.10
N TYR B 176 12.52 -12.49 -2.84
CA TYR B 176 12.38 -11.03 -2.86
C TYR B 176 11.48 -10.64 -4.03
N GLU B 177 10.44 -9.86 -3.78
N GLU B 177 10.49 -9.81 -3.74
CA GLU B 177 9.51 -9.50 -4.86
CA GLU B 177 9.41 -9.51 -4.67
C GLU B 177 9.12 -8.03 -4.77
C GLU B 177 9.02 -8.03 -4.67
N ASN B 178 8.23 -7.64 -5.69
CA ASN B 178 7.59 -6.33 -5.73
C ASN B 178 8.54 -5.17 -5.66
N PHE B 179 9.45 -5.17 -6.62
CA PHE B 179 10.48 -4.13 -6.69
C PHE B 179 9.84 -2.80 -7.11
N ASP B 180 10.22 -1.73 -6.43
CA ASP B 180 9.65 -0.40 -6.70
C ASP B 180 10.73 0.65 -6.51
N ASN B 181 10.61 1.78 -7.22
N ASN B 181 10.63 1.74 -7.28
CA ASN B 181 11.62 2.85 -7.25
CA ASN B 181 11.60 2.82 -7.22
C ASN B 181 11.53 3.74 -5.99
C ASN B 181 11.40 3.56 -5.90
N ILE B 182 12.38 3.42 -5.01
CA ILE B 182 12.35 4.00 -3.70
C ILE B 182 13.75 4.47 -3.36
N LEU B 183 13.92 5.75 -3.09
CA LEU B 183 15.19 6.25 -2.58
C LEU B 183 16.38 5.83 -3.43
N GLY B 184 16.25 6.00 -4.74
CA GLY B 184 17.38 5.80 -5.64
C GLY B 184 17.64 4.40 -6.17
N GLU B 185 16.83 3.43 -5.76
CA GLU B 185 16.97 2.09 -6.30
C GLU B 185 15.61 1.47 -6.53
N MSE B 186 15.55 0.50 -7.42
CA MSE B 186 14.46 -0.46 -7.35
C MSE B 186 14.70 -1.39 -6.18
O MSE B 186 15.65 -2.19 -6.17
CB MSE B 186 14.43 -1.23 -8.66
CG MSE B 186 14.09 -0.38 -9.88
SE MSE B 186 12.27 0.22 -9.85
CE MSE B 186 11.55 -1.48 -10.52
N ARG B 187 13.82 -1.24 -5.17
CA ARG B 187 13.92 -2.00 -3.91
C ARG B 187 12.80 -3.03 -3.80
N PRO B 188 13.10 -4.24 -3.29
CA PRO B 188 12.00 -5.20 -3.06
C PRO B 188 11.16 -4.69 -1.91
N THR B 189 9.84 -4.73 -2.06
CA THR B 189 8.98 -4.33 -0.98
C THR B 189 8.20 -5.49 -0.41
N ARG B 190 8.41 -6.70 -0.95
CA ARG B 190 7.78 -7.88 -0.38
C ARG B 190 8.86 -8.95 -0.25
N ILE B 191 8.92 -9.61 0.90
CA ILE B 191 9.73 -10.81 1.06
CA ILE B 191 9.73 -10.80 1.05
C ILE B 191 8.79 -11.92 1.49
N ILE B 192 8.94 -13.07 0.88
CA ILE B 192 8.16 -14.24 1.29
C ILE B 192 9.08 -15.26 1.90
N MSE B 193 8.82 -15.63 3.15
CA MSE B 193 9.66 -16.58 3.87
CA MSE B 193 9.67 -16.56 3.91
C MSE B 193 8.85 -17.83 4.19
O MSE B 193 7.74 -17.75 4.74
CB MSE B 193 10.22 -15.94 5.14
CB MSE B 193 10.12 -15.94 5.25
CG MSE B 193 11.14 -14.79 4.84
CG MSE B 193 10.93 -14.64 5.15
SE MSE B 193 11.76 -13.91 6.45
SE MSE B 193 12.12 -14.33 6.69
CE MSE B 193 13.38 -13.11 5.81
CE MSE B 193 13.82 -14.58 5.82
N GLU B 194 9.36 -18.98 3.78
CA GLU B 194 8.63 -20.25 3.85
CA GLU B 194 8.62 -20.21 3.87
C GLU B 194 9.39 -21.28 4.63
N ASP B 195 8.70 -21.96 5.54
CA ASP B 195 9.29 -23.01 6.37
C ASP B 195 9.67 -24.13 5.45
N ALA B 196 10.87 -24.69 5.67
CA ALA B 196 11.34 -25.91 4.99
C ALA B 196 11.08 -27.17 5.84
N LEU B 197 10.66 -27.01 7.09
CA LEU B 197 10.37 -28.11 8.03
C LEU B 197 8.88 -28.40 7.92
N LYS B 198 8.16 -28.50 9.03
CA LYS B 198 6.87 -29.12 9.02
C LYS B 198 5.69 -28.23 9.31
N SER B 199 5.86 -26.95 9.54
CA SER B 199 4.75 -26.15 10.01
C SER B 199 3.82 -25.77 8.89
N GLY B 200 4.31 -25.76 7.67
CA GLY B 200 3.49 -25.27 6.56
C GLY B 200 3.37 -23.78 6.51
N GLU B 201 4.08 -23.06 7.40
CA GLU B 201 3.92 -21.62 7.43
C GLU B 201 4.60 -20.89 6.29
N VAL B 202 3.90 -19.90 5.76
CA VAL B 202 4.44 -18.90 4.84
C VAL B 202 4.22 -17.55 5.46
N SER B 203 5.30 -16.77 5.60
CA SER B 203 5.21 -15.39 6.09
C SER B 203 5.49 -14.44 4.96
N VAL B 204 4.58 -13.51 4.75
CA VAL B 204 4.69 -12.49 3.73
C VAL B 204 4.93 -11.17 4.41
N LEU B 205 6.08 -10.56 4.12
CA LEU B 205 6.47 -9.31 4.72
C LEU B 205 6.33 -8.24 3.69
N ASP B 206 5.57 -7.18 4.01
CA ASP B 206 5.39 -6.02 3.11
C ASP B 206 5.89 -4.75 3.77
N TYR B 207 6.83 -4.09 3.08
CA TYR B 207 7.50 -2.88 3.57
C TYR B 207 6.88 -1.68 2.88
N SER B 208 6.55 -0.66 3.66
CA SER B 208 5.91 0.53 3.11
C SER B 208 6.35 1.75 3.85
N ASP B 209 6.18 2.90 3.19
CA ASP B 209 6.47 4.23 3.74
C ASP B 209 7.90 4.35 4.25
N MSE B 210 8.82 3.83 3.48
CA MSE B 210 10.22 3.93 3.82
C MSE B 210 10.68 5.39 3.65
O MSE B 210 10.45 5.98 2.62
CB MSE B 210 10.99 3.01 2.89
CG MSE B 210 12.47 2.85 3.21
SE MSE B 210 13.39 1.63 1.94
CE MSE B 210 12.45 -0.04 2.31
N LYS B 211 11.31 5.95 4.67
N LYS B 211 11.33 5.93 4.69
CA LYS B 211 11.82 7.29 4.52
CA LYS B 211 11.68 7.36 4.76
C LYS B 211 13.03 7.44 5.38
C LYS B 211 12.97 7.56 5.52
N LEU B 212 13.92 8.30 4.92
CA LEU B 212 15.15 8.62 5.63
C LEU B 212 14.80 9.45 6.87
N ARG B 213 15.57 9.27 7.94
CA ARG B 213 15.40 10.10 9.13
C ARG B 213 16.64 9.96 10.02
N ASP B 214 16.94 11.01 10.76
CA ASP B 214 18.03 10.95 11.71
C ASP B 214 17.66 10.06 12.85
N LEU B 215 18.64 9.27 13.29
CA LEU B 215 18.47 8.40 14.41
C LEU B 215 19.67 8.63 15.32
N PRO B 216 19.62 9.70 16.15
CA PRO B 216 20.79 10.05 16.90
C PRO B 216 21.06 8.99 17.91
N ASP B 217 22.31 8.78 18.27
CA ASP B 217 22.61 7.68 19.18
C ASP B 217 21.78 7.81 20.45
N LYS B 218 21.43 9.05 20.82
CA LYS B 218 20.66 9.33 22.02
C LYS B 218 19.19 8.89 22.01
N ILE B 219 18.60 8.63 20.85
CA ILE B 219 17.20 8.17 20.87
C ILE B 219 17.06 6.65 21.08
N PHE B 220 18.18 5.93 21.11
CA PHE B 220 18.11 4.49 21.33
C PHE B 220 18.16 4.12 22.81
N THR B 221 17.08 4.45 23.50
CA THR B 221 16.96 4.28 24.95
C THR B 221 15.57 3.87 25.35
N LYS B 222 15.46 3.26 26.52
CA LYS B 222 14.16 2.93 27.11
C LYS B 222 13.17 4.08 27.10
N ASP B 223 13.58 5.24 27.59
CA ASP B 223 12.64 6.34 27.82
C ASP B 223 12.08 6.92 26.52
N TYR B 224 12.72 6.57 25.41
CA TYR B 224 12.18 6.83 24.08
C TYR B 224 11.15 5.75 23.70
N LEU B 225 11.39 4.51 24.14
CA LEU B 225 10.46 3.39 23.87
C LEU B 225 9.15 3.54 24.64
#